data_2UW9
#
_entry.id   2UW9
#
_cell.length_a   45.058
_cell.length_b   61.046
_cell.length_c   132.737
_cell.angle_alpha   90.00
_cell.angle_beta   90.00
_cell.angle_gamma   90.00
#
_symmetry.space_group_name_H-M   'P 21 21 21'
#
loop_
_entity.id
_entity.type
_entity.pdbx_description
1 polymer 'RAC-BETA SERINE/THREONINE-PROTEIN KINASE'
2 polymer 'GLYCOGEN SYNTHASE KINASE-3 BETA'
3 non-polymer 4-(4-CHLOROPHENYL)-4-[4-(1H-PYRAZOL-4-YL)PHENYL]PIPERIDINE
4 water water
#
loop_
_entity_poly.entity_id
_entity_poly.type
_entity_poly.pdbx_seq_one_letter_code
_entity_poly.pdbx_strand_id
1 'polypeptide(L)'
;GAMDPKVTMNDFDYLKLLGKGTFGKVILVREKATGRYYAMKILRKEVIIAKDEVAHTVTESRVLQNTRHPFLTALKYAFQ
THDRLCFVMEYANGGELFFHLSRERVFTEERARFYGAEIVSALEYLHSRDVVYRDIKLENLMLDKDGHIKITDFGLCKEG
ISDGATMK(TPO)FCGTPEYLAPEVLEDNDYGRAVDWWGLGVVMYEMMCGRLPFYNQDHERLFELILMEEIRFPRTLSPE
AKSLLAGLLKKDPKQRLGGGPSDAKEVMEHRFFLSINWQDVVQKKLLPPFKPQVTSEVDTRYFDDEFTAQSITITPPDRY
DSLGLLELDQREEQEMFEDFDYIADW
;
A
2 'polypeptide(L)' GRPRTTSFAE C
#
loop_
_chem_comp.id
_chem_comp.type
_chem_comp.name
_chem_comp.formula
GVP non-polymer 4-(4-CHLOROPHENYL)-4-[4-(1H-PYRAZOL-4-YL)PHENYL]PIPERIDINE 'C20 H20 Cl N3'
#
# COMPACT_ATOMS: atom_id res chain seq x y z
N LYS A 6 13.98 2.24 26.19
CA LYS A 6 13.78 3.55 25.48
C LYS A 6 14.63 3.61 24.20
N VAL A 7 14.07 4.24 23.16
CA VAL A 7 14.69 4.30 21.84
C VAL A 7 14.95 5.76 21.43
N THR A 8 16.20 6.04 21.09
CA THR A 8 16.63 7.38 20.66
C THR A 8 17.11 7.36 19.22
N MET A 9 17.32 8.56 18.70
CA MET A 9 17.87 8.77 17.35
C MET A 9 19.30 8.20 17.19
N ASN A 10 20.12 8.36 18.23
CA ASN A 10 21.51 7.91 18.22
C ASN A 10 21.70 6.42 18.51
N ASP A 11 20.62 5.63 18.43
CA ASP A 11 20.75 4.17 18.32
C ASP A 11 20.97 3.76 16.85
N PHE A 12 21.03 4.73 15.93
CA PHE A 12 21.00 4.41 14.51
C PHE A 12 22.10 5.09 13.68
N ASP A 13 22.61 4.37 12.69
CA ASP A 13 23.47 4.95 11.65
C ASP A 13 22.56 5.23 10.46
N TYR A 14 22.75 6.34 9.75
CA TYR A 14 21.76 6.81 8.75
C TYR A 14 22.24 6.75 7.31
N LEU A 15 22.10 5.58 6.70
CA LEU A 15 22.81 5.24 5.46
C LEU A 15 22.33 6.04 4.22
N LYS A 16 21.08 5.87 3.77
CA LYS A 16 20.58 6.70 2.67
C LYS A 16 19.07 6.82 2.51
N LEU A 17 18.67 7.82 1.73
CA LEU A 17 17.29 8.16 1.52
C LEU A 17 16.63 7.16 0.58
N LEU A 18 15.53 6.55 1.02
CA LEU A 18 14.75 5.65 0.18
C LEU A 18 13.61 6.41 -0.53
N GLY A 19 13.08 7.43 0.13
CA GLY A 19 12.01 8.19 -0.47
C GLY A 19 11.48 9.28 0.41
N LYS A 20 10.70 10.15 -0.22
CA LYS A 20 10.12 11.34 0.39
C LYS A 20 8.60 11.36 0.16
N GLY A 21 7.89 11.89 1.15
CA GLY A 21 6.45 12.14 1.05
C GLY A 21 6.20 13.60 1.39
N THR A 22 4.93 13.93 1.63
CA THR A 22 4.49 15.32 1.77
C THR A 22 4.82 15.94 3.14
N PHE A 23 5.09 15.09 4.14
CA PHE A 23 5.32 15.51 5.52
C PHE A 23 6.59 14.89 6.13
N GLY A 24 7.45 14.30 5.30
CA GLY A 24 8.66 13.65 5.82
C GLY A 24 9.52 12.93 4.80
N LYS A 25 10.35 12.02 5.31
CA LYS A 25 11.27 11.25 4.48
C LYS A 25 11.49 9.86 5.07
N VAL A 26 11.95 8.92 4.22
CA VAL A 26 12.26 7.56 4.67
C VAL A 26 13.71 7.22 4.40
N ILE A 27 14.40 6.69 5.41
CA ILE A 27 15.83 6.39 5.33
C ILE A 27 16.10 4.94 5.66
N LEU A 28 17.08 4.36 4.96
CA LEU A 28 17.66 3.08 5.39
C LEU A 28 18.60 3.39 6.53
N VAL A 29 18.44 2.70 7.65
CA VAL A 29 19.33 2.87 8.81
C VAL A 29 19.76 1.52 9.38
N ARG A 30 20.84 1.53 10.16
CA ARG A 30 21.33 0.37 10.92
C ARG A 30 21.27 0.62 12.44
N GLU A 31 20.55 -0.24 13.16
CA GLU A 31 20.56 -0.26 14.62
C GLU A 31 22.00 -0.44 15.13
N LYS A 32 22.55 0.61 15.71
CA LYS A 32 23.95 0.62 16.17
C LYS A 32 24.36 -0.65 16.94
N ALA A 33 23.49 -1.12 17.84
CA ALA A 33 23.85 -2.16 18.80
C ALA A 33 23.71 -3.60 18.28
N THR A 34 23.01 -3.80 17.17
CA THR A 34 22.76 -5.16 16.64
C THR A 34 23.33 -5.45 15.24
N GLY A 35 23.45 -4.40 14.41
CA GLY A 35 23.86 -4.56 13.00
C GLY A 35 22.70 -4.84 12.04
N ARG A 36 21.47 -4.70 12.54
CA ARG A 36 20.26 -4.97 11.75
C ARG A 36 19.83 -3.72 10.99
N TYR A 37 19.13 -3.90 9.87
CA TYR A 37 18.81 -2.79 8.96
C TYR A 37 17.32 -2.53 8.91
N TYR A 38 16.96 -1.24 8.87
CA TYR A 38 15.56 -0.82 8.86
C TYR A 38 15.33 0.37 7.95
N ALA A 39 14.16 0.42 7.32
CA ALA A 39 13.65 1.65 6.76
C ALA A 39 13.02 2.40 7.94
N MET A 40 13.49 3.64 8.15
CA MET A 40 12.98 4.51 9.19
C MET A 40 12.27 5.68 8.54
N LYS A 41 11.02 5.91 8.91
CA LYS A 41 10.26 7.05 8.43
C LYS A 41 10.34 8.19 9.45
N ILE A 42 10.76 9.37 8.99
CA ILE A 42 11.04 10.52 9.87
C ILE A 42 10.13 11.71 9.50
N LEU A 43 9.31 12.16 10.43
CA LEU A 43 8.41 13.28 10.17
C LEU A 43 8.62 14.37 11.24
N ARG A 44 8.30 15.61 10.87
CA ARG A 44 8.43 16.74 11.79
C ARG A 44 7.11 17.10 12.47
N LYS A 45 7.12 17.12 13.80
CA LYS A 45 5.94 17.36 14.64
C LYS A 45 5.16 18.62 14.27
N GLU A 46 5.85 19.76 14.17
CA GLU A 46 5.16 21.01 13.89
C GLU A 46 4.48 20.98 12.52
N VAL A 47 5.09 20.32 11.54
CA VAL A 47 4.44 20.24 10.22
C VAL A 47 3.18 19.39 10.31
N ILE A 48 3.24 18.33 11.10
CA ILE A 48 2.10 17.45 11.28
C ILE A 48 1.02 18.17 12.08
N ILE A 49 1.44 18.83 13.15
CA ILE A 49 0.59 19.71 13.94
C ILE A 49 -0.11 20.76 13.06
N ALA A 50 0.69 21.57 12.36
CA ALA A 50 0.17 22.67 11.53
C ALA A 50 -0.70 22.26 10.35
N LYS A 51 -0.56 21.03 9.86
CA LYS A 51 -1.37 20.56 8.72
C LYS A 51 -2.45 19.56 9.18
N ASP A 52 -2.74 19.55 10.48
CA ASP A 52 -3.85 18.77 11.03
C ASP A 52 -3.71 17.28 10.67
N GLU A 53 -2.47 16.79 10.71
CA GLU A 53 -2.15 15.44 10.27
C GLU A 53 -1.85 14.54 11.47
N VAL A 54 -2.43 14.93 12.61
CA VAL A 54 -2.16 14.27 13.88
C VAL A 54 -2.90 12.95 13.90
N ALA A 55 -4.20 13.02 13.64
CA ALA A 55 -5.07 11.84 13.55
C ALA A 55 -4.47 10.72 12.70
N HIS A 56 -4.13 11.05 11.46
CA HIS A 56 -3.53 10.09 10.52
C HIS A 56 -2.26 9.45 11.11
N THR A 57 -1.36 10.28 11.62
CA THR A 57 -0.05 9.82 12.11
C THR A 57 -0.21 8.81 13.21
N VAL A 58 -1.15 9.08 14.12
CA VAL A 58 -1.39 8.17 15.23
C VAL A 58 -2.09 6.90 14.73
N THR A 59 -3.05 7.04 13.83
CA THR A 59 -3.71 5.86 13.29
C THR A 59 -2.70 4.93 12.65
N GLU A 60 -1.83 5.49 11.82
CA GLU A 60 -0.71 4.76 11.26
C GLU A 60 0.00 3.96 12.36
N SER A 61 0.41 4.60 13.45
CA SER A 61 1.02 3.85 14.56
C SER A 61 0.10 2.74 15.10
N ARG A 62 -1.08 3.12 15.60
CA ARG A 62 -2.02 2.17 16.20
C ARG A 62 -2.24 0.96 15.30
N VAL A 63 -2.45 1.21 14.02
CA VAL A 63 -2.67 0.13 13.05
C VAL A 63 -1.43 -0.77 12.90
N LEU A 64 -0.25 -0.17 12.90
CA LEU A 64 0.98 -0.94 12.85
C LEU A 64 1.20 -1.68 14.17
N GLN A 65 0.72 -1.09 15.27
CA GLN A 65 0.87 -1.72 16.58
C GLN A 65 -0.07 -2.94 16.77
N ASN A 66 -1.07 -3.09 15.90
CA ASN A 66 -2.08 -4.11 16.11
C ASN A 66 -2.34 -5.02 14.94
N THR A 67 -1.40 -5.03 14.00
CA THR A 67 -1.50 -5.85 12.79
C THR A 67 -0.22 -6.71 12.65
N ARG A 68 -0.40 -7.99 12.33
CA ARG A 68 0.73 -8.88 12.13
C ARG A 68 0.40 -9.78 10.95
N HIS A 69 1.08 -9.56 9.83
CA HIS A 69 0.81 -10.35 8.64
C HIS A 69 2.05 -10.24 7.79
N PRO A 70 2.39 -11.31 7.06
CA PRO A 70 3.61 -11.36 6.28
C PRO A 70 3.67 -10.34 5.15
N PHE A 71 2.53 -10.08 4.54
CA PHE A 71 2.43 -9.15 3.41
C PHE A 71 2.01 -7.75 3.87
N LEU A 72 2.30 -7.42 5.14
CA LEU A 72 2.19 -6.03 5.62
C LEU A 72 3.50 -5.63 6.31
N THR A 73 3.95 -4.39 6.10
CA THR A 73 5.18 -3.91 6.73
C THR A 73 5.03 -3.92 8.25
N ALA A 74 6.00 -4.51 8.92
CA ALA A 74 5.99 -4.65 10.37
C ALA A 74 6.70 -3.45 11.00
N LEU A 75 6.14 -2.97 12.13
CA LEU A 75 6.79 -1.93 12.95
C LEU A 75 7.66 -2.60 14.03
N LYS A 76 8.94 -2.21 14.08
CA LYS A 76 9.88 -2.64 15.12
C LYS A 76 9.89 -1.65 16.29
N TYR A 77 10.17 -0.38 15.99
CA TYR A 77 10.07 0.69 16.97
C TYR A 77 9.27 1.86 16.41
N ALA A 78 8.54 2.52 17.27
CA ALA A 78 8.04 3.84 16.99
C ALA A 78 8.42 4.66 18.21
N PHE A 79 9.18 5.74 18.01
CA PHE A 79 9.53 6.65 19.09
C PHE A 79 9.41 8.10 18.64
N GLN A 80 9.55 9.03 19.58
CA GLN A 80 9.59 10.45 19.25
C GLN A 80 10.73 11.17 19.94
N THR A 81 11.09 12.32 19.38
CA THR A 81 11.97 13.28 20.06
C THR A 81 11.18 14.57 20.13
N HIS A 82 11.70 15.53 20.90
CA HIS A 82 10.95 16.74 21.21
C HIS A 82 10.45 17.48 19.97
N ASP A 83 11.02 17.16 18.80
CA ASP A 83 10.58 17.77 17.56
C ASP A 83 10.17 16.83 16.41
N ARG A 84 10.30 15.51 16.59
CA ARG A 84 9.99 14.57 15.49
C ARG A 84 9.29 13.27 15.89
N LEU A 85 8.62 12.65 14.90
CA LEU A 85 8.04 11.30 15.05
C LEU A 85 8.79 10.31 14.15
N CYS A 86 9.02 9.11 14.67
CA CYS A 86 9.90 8.13 14.03
C CYS A 86 9.36 6.70 13.99
N PHE A 87 9.11 6.17 12.78
CA PHE A 87 8.74 4.75 12.61
C PHE A 87 9.92 3.92 12.13
N VAL A 88 10.37 2.98 12.94
CA VAL A 88 11.38 2.03 12.52
C VAL A 88 10.67 0.74 12.03
N MET A 89 10.57 0.66 10.69
CA MET A 89 9.85 -0.38 9.97
C MET A 89 10.81 -1.38 9.36
N GLU A 90 10.34 -2.58 9.14
CA GLU A 90 11.16 -3.55 8.47
C GLU A 90 11.44 -3.08 7.05
N TYR A 91 12.67 -3.30 6.60
CA TYR A 91 13.19 -2.74 5.34
C TYR A 91 12.80 -3.63 4.17
N ALA A 92 12.10 -3.05 3.20
CA ALA A 92 11.68 -3.79 2.01
C ALA A 92 12.68 -3.61 0.86
N ASN A 93 13.59 -4.58 0.72
CA ASN A 93 14.80 -4.45 -0.11
C ASN A 93 14.53 -4.29 -1.58
N GLY A 94 13.33 -4.64 -2.01
CA GLY A 94 12.98 -4.65 -3.44
C GLY A 94 12.21 -3.42 -3.92
N GLY A 95 12.15 -2.37 -3.10
CA GLY A 95 11.52 -1.10 -3.51
C GLY A 95 10.05 -1.25 -3.86
N GLU A 96 9.53 -0.35 -4.69
CA GLU A 96 8.09 -0.37 -4.95
C GLU A 96 7.80 -1.21 -6.15
N LEU A 97 6.66 -1.89 -6.14
CA LEU A 97 6.05 -2.47 -7.34
C LEU A 97 6.02 -1.51 -8.52
N PHE A 98 5.80 -0.23 -8.22
CA PHE A 98 5.87 0.85 -9.20
C PHE A 98 7.17 0.86 -9.96
N PHE A 99 8.30 0.85 -9.25
CA PHE A 99 9.61 0.81 -9.88
C PHE A 99 9.71 -0.34 -10.90
N HIS A 100 9.17 -1.48 -10.53
CA HIS A 100 9.31 -2.70 -11.32
C HIS A 100 8.40 -2.70 -12.51
N LEU A 101 7.18 -2.17 -12.34
CA LEU A 101 6.22 -2.08 -13.45
C LEU A 101 6.65 -0.98 -14.39
N SER A 102 7.14 0.16 -13.87
CA SER A 102 7.69 1.22 -14.74
C SER A 102 8.78 0.63 -15.63
N ARG A 103 9.73 -0.08 -15.02
CA ARG A 103 10.84 -0.66 -15.76
C ARG A 103 10.39 -1.69 -16.80
N GLU A 104 9.42 -2.52 -16.46
CA GLU A 104 9.07 -3.65 -17.33
C GLU A 104 7.87 -3.42 -18.21
N ARG A 105 7.10 -2.39 -17.92
CA ARG A 105 5.88 -2.00 -18.64
C ARG A 105 4.65 -2.86 -18.33
N VAL A 106 4.78 -4.17 -18.35
CA VAL A 106 3.67 -5.04 -18.05
C VAL A 106 4.15 -6.35 -17.42
N PHE A 107 3.33 -6.96 -16.56
CA PHE A 107 3.60 -8.29 -16.02
C PHE A 107 2.78 -9.36 -16.77
N THR A 108 3.29 -10.57 -16.77
CA THR A 108 2.52 -11.70 -17.28
C THR A 108 1.30 -11.82 -16.38
N GLU A 109 0.25 -12.48 -16.84
CA GLU A 109 -0.89 -12.72 -15.98
C GLU A 109 -0.49 -13.46 -14.71
N GLU A 110 0.34 -14.48 -14.87
CA GLU A 110 0.76 -15.33 -13.75
C GLU A 110 1.49 -14.55 -12.66
N ARG A 111 2.39 -13.67 -13.07
CA ARG A 111 3.11 -12.82 -12.12
C ARG A 111 2.16 -11.83 -11.46
N ALA A 112 1.20 -11.30 -12.23
CA ALA A 112 0.18 -10.43 -11.70
C ALA A 112 -0.71 -11.21 -10.74
N ARG A 113 -1.03 -12.45 -11.09
CA ARG A 113 -1.83 -13.27 -10.17
C ARG A 113 -1.17 -13.47 -8.82
N PHE A 114 0.11 -13.74 -8.88
CA PHE A 114 0.89 -13.94 -7.67
C PHE A 114 0.77 -12.76 -6.70
N TYR A 115 1.04 -11.57 -7.19
CA TYR A 115 1.05 -10.40 -6.33
C TYR A 115 -0.39 -10.08 -6.01
N GLY A 116 -1.29 -10.40 -6.92
CA GLY A 116 -2.71 -10.21 -6.65
C GLY A 116 -3.17 -10.97 -5.42
N ALA A 117 -2.88 -12.27 -5.39
CA ALA A 117 -3.23 -13.15 -4.28
C ALA A 117 -2.63 -12.68 -2.93
N GLU A 118 -1.43 -12.14 -2.97
CA GLU A 118 -0.78 -11.67 -1.74
C GLU A 118 -1.47 -10.41 -1.28
N ILE A 119 -1.91 -9.56 -2.20
CA ILE A 119 -2.69 -8.34 -1.81
C ILE A 119 -4.06 -8.74 -1.28
N VAL A 120 -4.73 -9.69 -1.92
CA VAL A 120 -6.04 -10.16 -1.45
C VAL A 120 -5.91 -10.79 -0.07
N SER A 121 -4.82 -11.51 0.20
CA SER A 121 -4.62 -12.11 1.54
C SER A 121 -4.46 -11.02 2.60
N ALA A 122 -3.67 -10.02 2.23
CA ALA A 122 -3.44 -8.82 3.06
C ALA A 122 -4.72 -8.03 3.38
N LEU A 123 -5.55 -7.78 2.36
CA LEU A 123 -6.79 -7.02 2.54
C LEU A 123 -7.78 -7.85 3.35
N GLU A 124 -7.85 -9.13 3.08
CA GLU A 124 -8.71 -10.02 3.86
C GLU A 124 -8.38 -9.94 5.33
N TYR A 125 -7.09 -9.99 5.66
CA TYR A 125 -6.63 -9.90 7.05
C TYR A 125 -7.05 -8.59 7.69
N LEU A 126 -6.62 -7.50 7.06
CA LEU A 126 -6.98 -6.14 7.46
C LEU A 126 -8.50 -5.98 7.65
N HIS A 127 -9.28 -6.38 6.67
CA HIS A 127 -10.72 -6.39 6.87
C HIS A 127 -11.15 -7.19 8.15
N SER A 128 -10.51 -8.34 8.40
CA SER A 128 -10.84 -9.16 9.57
C SER A 128 -10.50 -8.44 10.88
N ARG A 129 -9.53 -7.53 10.82
CA ARG A 129 -9.16 -6.70 11.95
C ARG A 129 -9.98 -5.41 11.96
N ASP A 130 -11.04 -5.39 11.15
CA ASP A 130 -11.99 -4.27 11.08
C ASP A 130 -11.28 -2.94 10.72
N VAL A 131 -10.28 -3.03 9.85
CA VAL A 131 -9.68 -1.84 9.24
C VAL A 131 -9.75 -1.86 7.70
N VAL A 132 -10.07 -0.69 7.13
CA VAL A 132 -10.14 -0.47 5.69
C VAL A 132 -8.98 0.42 5.27
N TYR A 133 -8.20 -0.06 4.27
CA TYR A 133 -6.91 0.53 3.91
C TYR A 133 -7.09 1.79 3.07
N ARG A 134 -7.83 1.71 1.96
CA ARG A 134 -8.26 2.93 1.24
C ARG A 134 -7.24 3.60 0.29
N ASP A 135 -6.00 3.15 0.29
CA ASP A 135 -4.95 3.78 -0.51
C ASP A 135 -4.10 2.74 -1.26
N ILE A 136 -4.73 1.66 -1.72
CA ILE A 136 -4.06 0.74 -2.61
C ILE A 136 -3.71 1.51 -3.86
N LYS A 137 -2.43 1.41 -4.20
CA LYS A 137 -1.79 1.97 -5.37
C LYS A 137 -0.40 1.33 -5.54
N LEU A 138 0.21 1.41 -6.73
CA LEU A 138 1.52 0.72 -6.99
C LEU A 138 2.61 1.27 -6.05
N GLU A 139 2.50 2.54 -5.65
CA GLU A 139 3.50 3.18 -4.80
C GLU A 139 3.58 2.62 -3.38
N ASN A 140 2.50 1.99 -2.93
CA ASN A 140 2.38 1.47 -1.55
C ASN A 140 2.59 -0.02 -1.41
N LEU A 141 2.93 -0.67 -2.52
CA LEU A 141 3.13 -2.11 -2.56
C LEU A 141 4.64 -2.29 -2.74
N MET A 142 5.34 -2.58 -1.64
CA MET A 142 6.78 -2.81 -1.68
C MET A 142 7.03 -4.29 -1.87
N LEU A 143 8.26 -4.64 -2.24
CA LEU A 143 8.69 -6.06 -2.28
C LEU A 143 9.76 -6.33 -1.23
N ASP A 144 9.63 -7.42 -0.46
CA ASP A 144 10.71 -7.78 0.48
C ASP A 144 11.88 -8.43 -0.27
N LYS A 145 12.95 -8.77 0.46
CA LYS A 145 14.12 -9.49 -0.12
C LYS A 145 13.80 -10.82 -0.83
N ASP A 146 12.70 -11.46 -0.42
CA ASP A 146 12.25 -12.69 -1.06
C ASP A 146 11.28 -12.45 -2.22
N GLY A 147 10.77 -11.24 -2.38
CA GLY A 147 9.88 -10.90 -3.51
C GLY A 147 8.40 -11.01 -3.21
N HIS A 148 8.05 -10.94 -1.92
CA HIS A 148 6.65 -10.95 -1.50
C HIS A 148 6.16 -9.55 -1.34
N ILE A 149 4.88 -9.33 -1.61
CA ILE A 149 4.27 -8.03 -1.41
C ILE A 149 4.41 -7.60 0.03
N LYS A 150 4.65 -6.32 0.25
CA LYS A 150 4.60 -5.72 1.58
C LYS A 150 3.82 -4.40 1.51
N ILE A 151 2.60 -4.36 2.04
CA ILE A 151 1.83 -3.13 1.99
C ILE A 151 2.45 -2.11 2.96
N THR A 152 2.61 -0.88 2.50
CA THR A 152 3.11 0.18 3.36
C THR A 152 2.16 1.38 3.45
N ASP A 153 2.45 2.27 4.41
CA ASP A 153 1.76 3.54 4.58
C ASP A 153 0.29 3.44 4.96
N PHE A 154 0.07 3.39 6.27
CA PHE A 154 -1.24 3.06 6.82
C PHE A 154 -2.06 4.26 7.37
N GLY A 155 -1.65 5.48 7.04
CA GLY A 155 -2.27 6.71 7.58
C GLY A 155 -3.73 7.01 7.23
N LEU A 156 -4.17 6.60 6.04
CA LEU A 156 -5.57 6.77 5.63
C LEU A 156 -6.47 5.59 6.01
N CYS A 157 -5.99 4.64 6.79
CA CYS A 157 -6.81 3.52 7.26
C CYS A 157 -7.98 4.02 8.10
N LYS A 158 -9.11 3.33 8.03
CA LYS A 158 -10.16 3.57 8.98
C LYS A 158 -10.29 2.33 9.85
N GLU A 159 -10.24 2.53 11.16
CA GLU A 159 -10.42 1.42 12.10
C GLU A 159 -11.86 1.32 12.56
N GLY A 160 -12.19 0.14 13.05
CA GLY A 160 -13.47 -0.10 13.67
C GLY A 160 -14.59 -0.19 12.68
N ILE A 161 -14.32 -0.85 11.55
CA ILE A 161 -15.24 -0.96 10.44
C ILE A 161 -15.45 -2.44 10.14
N SER A 162 -16.54 -3.01 10.63
CA SER A 162 -16.87 -4.43 10.41
C SER A 162 -18.02 -4.57 9.43
N ASP A 163 -18.19 -5.77 8.87
CA ASP A 163 -19.31 -6.08 7.95
C ASP A 163 -19.62 -4.89 7.02
N GLY A 164 -20.82 -4.31 7.08
CA GLY A 164 -21.23 -3.21 6.19
C GLY A 164 -21.17 -1.77 6.74
N ALA A 165 -20.35 -1.50 7.76
CA ALA A 165 -20.18 -0.16 8.32
C ALA A 165 -19.70 0.83 7.24
N THR A 166 -19.62 2.12 7.58
CA THR A 166 -19.29 3.11 6.56
C THR A 166 -18.38 4.19 7.03
N MET A 167 -17.83 4.88 6.03
CA MET A 167 -16.84 5.91 6.19
C MET A 167 -17.30 7.08 5.38
N LYS A 168 -16.91 8.27 5.84
CA LYS A 168 -17.35 9.51 5.27
C LYS A 168 -16.24 10.30 4.62
N TPO A 169 -15.00 10.16 5.08
CA TPO A 169 -13.96 11.08 4.65
CB TPO A 169 -12.70 10.76 5.45
CG2 TPO A 169 -11.69 11.86 5.20
OG1 TPO A 169 -12.96 10.82 6.84
P TPO A 169 -12.71 9.50 7.75
O1P TPO A 169 -11.14 9.43 7.94
O2P TPO A 169 -13.43 8.32 6.93
O3P TPO A 169 -13.43 9.74 9.17
C TPO A 169 -13.54 10.87 3.20
O TPO A 169 -13.39 9.73 2.74
N PHE A 170 -13.34 11.99 2.53
CA PHE A 170 -12.88 12.05 1.17
C PHE A 170 -11.39 12.07 1.26
N CYS A 171 -10.82 10.92 0.90
CA CYS A 171 -9.39 10.66 0.92
C CYS A 171 -9.06 9.51 0.03
N GLY A 172 -7.76 9.38 -0.25
CA GLY A 172 -7.21 8.34 -1.11
C GLY A 172 -6.18 8.92 -2.05
N THR A 173 -6.20 8.47 -3.29
CA THR A 173 -5.32 8.97 -4.32
C THR A 173 -6.18 9.19 -5.55
N PRO A 174 -6.19 10.44 -6.07
CA PRO A 174 -7.10 10.81 -7.10
C PRO A 174 -7.27 9.73 -8.16
N GLU A 175 -6.18 9.17 -8.65
CA GLU A 175 -6.27 8.25 -9.79
C GLU A 175 -6.89 6.90 -9.47
N TYR A 176 -6.84 6.52 -8.19
CA TYR A 176 -7.36 5.25 -7.73
C TYR A 176 -8.66 5.35 -6.91
N LEU A 177 -9.28 6.55 -6.82
CA LEU A 177 -10.53 6.73 -6.04
C LEU A 177 -11.64 5.98 -6.74
N ALA A 178 -12.54 5.41 -5.95
CA ALA A 178 -13.60 4.56 -6.43
C ALA A 178 -14.76 5.48 -6.73
N PRO A 179 -15.63 5.11 -7.69
CA PRO A 179 -16.81 5.92 -8.01
C PRO A 179 -17.61 6.37 -6.83
N GLU A 180 -17.84 5.48 -5.88
CA GLU A 180 -18.67 5.83 -4.72
C GLU A 180 -18.04 6.92 -3.83
N VAL A 181 -16.71 6.96 -3.78
CA VAL A 181 -16.00 7.98 -3.01
C VAL A 181 -16.13 9.34 -3.74
N LEU A 182 -16.51 9.33 -5.03
CA LEU A 182 -16.66 10.56 -5.80
C LEU A 182 -18.11 11.10 -5.84
N GLU A 183 -19.02 10.35 -5.21
CA GLU A 183 -20.40 10.73 -4.93
C GLU A 183 -20.46 11.23 -3.49
N ASP A 184 -21.46 12.03 -3.15
CA ASP A 184 -21.55 12.58 -1.81
C ASP A 184 -21.76 11.49 -0.76
N ASN A 185 -21.52 11.86 0.49
CA ASN A 185 -21.78 10.99 1.63
C ASN A 185 -20.84 9.75 1.72
N ASP A 186 -21.41 8.58 2.03
CA ASP A 186 -20.69 7.50 2.69
C ASP A 186 -20.40 6.31 1.79
N TYR A 187 -19.53 5.43 2.26
CA TYR A 187 -19.08 4.30 1.46
C TYR A 187 -18.54 3.18 2.35
N GLY A 188 -18.50 1.97 1.80
CA GLY A 188 -18.17 0.78 2.58
C GLY A 188 -16.76 0.28 2.36
N ARG A 189 -16.39 -0.84 2.97
CA ARG A 189 -15.06 -1.44 2.73
C ARG A 189 -14.78 -1.92 1.29
N ALA A 190 -15.79 -1.97 0.41
CA ALA A 190 -15.54 -2.47 -0.94
C ALA A 190 -14.69 -1.53 -1.76
N VAL A 191 -14.28 -0.38 -1.25
CA VAL A 191 -13.36 0.47 -1.98
C VAL A 191 -12.00 -0.24 -2.18
N ASP A 192 -11.59 -1.05 -1.23
CA ASP A 192 -10.31 -1.73 -1.38
C ASP A 192 -10.31 -2.72 -2.56
N TRP A 193 -11.48 -3.18 -2.97
CA TRP A 193 -11.53 -4.09 -4.12
C TRP A 193 -11.46 -3.30 -5.42
N TRP A 194 -11.96 -2.05 -5.40
CA TRP A 194 -11.73 -1.13 -6.50
C TRP A 194 -10.23 -0.85 -6.64
N GLY A 195 -9.57 -0.47 -5.55
CA GLY A 195 -8.08 -0.30 -5.56
C GLY A 195 -7.32 -1.51 -6.10
N LEU A 196 -7.55 -2.67 -5.52
CA LEU A 196 -6.93 -3.88 -6.03
C LEU A 196 -7.10 -3.88 -7.52
N GLY A 197 -8.33 -3.60 -7.95
CA GLY A 197 -8.67 -3.66 -9.38
C GLY A 197 -7.85 -2.74 -10.25
N VAL A 198 -7.59 -1.55 -9.75
CA VAL A 198 -6.75 -0.57 -10.44
C VAL A 198 -5.31 -1.07 -10.59
N VAL A 199 -4.73 -1.69 -9.55
CA VAL A 199 -3.37 -2.24 -9.68
C VAL A 199 -3.34 -3.54 -10.50
N MET A 200 -4.38 -4.35 -10.48
CA MET A 200 -4.34 -5.55 -11.28
C MET A 200 -4.35 -5.12 -12.74
N TYR A 201 -5.17 -4.11 -13.05
CA TYR A 201 -5.28 -3.53 -14.40
C TYR A 201 -3.94 -3.01 -14.91
N GLU A 202 -3.37 -2.06 -14.16
CA GLU A 202 -2.03 -1.59 -14.39
C GLU A 202 -1.06 -2.74 -14.54
N MET A 203 -1.10 -3.70 -13.63
CA MET A 203 -0.08 -4.76 -13.71
C MET A 203 -0.22 -5.62 -14.98
N MET A 204 -1.46 -5.78 -15.48
CA MET A 204 -1.76 -6.67 -16.64
C MET A 204 -1.92 -5.94 -17.99
N CYS A 205 -2.41 -4.70 -17.91
CA CYS A 205 -2.65 -3.86 -19.05
C CYS A 205 -1.61 -2.75 -19.21
N GLY A 206 -0.73 -2.57 -18.24
CA GLY A 206 0.40 -1.66 -18.43
C GLY A 206 0.06 -0.19 -18.43
N ARG A 207 -1.20 0.17 -18.20
CA ARG A 207 -1.58 1.57 -17.87
C ARG A 207 -2.61 1.62 -16.76
N LEU A 208 -2.95 2.83 -16.33
CA LEU A 208 -4.11 3.05 -15.47
C LEU A 208 -5.38 2.87 -16.31
N PRO A 209 -6.43 2.28 -15.72
CA PRO A 209 -7.69 2.17 -16.47
C PRO A 209 -8.25 3.50 -16.99
N PHE A 210 -8.13 4.55 -16.16
CA PHE A 210 -8.60 5.91 -16.46
C PHE A 210 -7.53 6.90 -16.08
N TYR A 211 -7.29 7.90 -16.93
CA TYR A 211 -6.34 8.95 -16.60
C TYR A 211 -6.57 10.27 -17.28
N ASN A 212 -6.37 11.32 -16.49
CA ASN A 212 -6.25 12.67 -16.99
C ASN A 212 -5.51 13.50 -15.95
N GLN A 213 -4.71 14.45 -16.40
CA GLN A 213 -3.87 15.25 -15.47
C GLN A 213 -4.69 16.28 -14.68
N ASP A 214 -5.78 16.74 -15.28
CA ASP A 214 -6.80 17.58 -14.60
C ASP A 214 -7.75 16.67 -13.80
N HIS A 215 -7.83 16.89 -12.49
CA HIS A 215 -8.65 16.04 -11.62
C HIS A 215 -10.13 16.04 -11.96
N GLU A 216 -10.64 17.15 -12.48
CA GLU A 216 -12.05 17.23 -12.81
C GLU A 216 -12.34 16.24 -13.91
N ARG A 217 -11.46 16.17 -14.90
CA ARG A 217 -11.63 15.22 -16.02
C ARG A 217 -11.33 13.78 -15.57
N LEU A 218 -10.40 13.63 -14.62
CA LEU A 218 -10.08 12.33 -14.07
C LEU A 218 -11.31 11.73 -13.42
N PHE A 219 -11.91 12.51 -12.51
CA PHE A 219 -13.06 12.07 -11.76
C PHE A 219 -14.26 11.77 -12.66
N GLU A 220 -14.38 12.51 -13.75
CA GLU A 220 -15.42 12.27 -14.74
C GLU A 220 -15.34 10.88 -15.30
N LEU A 221 -14.12 10.47 -15.61
CA LEU A 221 -13.83 9.19 -16.24
C LEU A 221 -14.11 8.04 -15.29
N ILE A 222 -13.67 8.20 -14.04
CA ILE A 222 -13.90 7.20 -13.03
C ILE A 222 -15.43 6.98 -12.88
N LEU A 223 -16.20 8.06 -12.76
CA LEU A 223 -17.63 7.91 -12.55
C LEU A 223 -18.33 7.43 -13.81
N MET A 224 -17.85 7.78 -14.99
CA MET A 224 -18.72 7.61 -16.19
C MET A 224 -18.21 6.90 -17.44
N GLU A 225 -16.90 6.63 -17.50
CA GLU A 225 -16.29 5.95 -18.64
C GLU A 225 -16.21 4.44 -18.39
N GLU A 226 -16.50 3.64 -19.40
CA GLU A 226 -16.35 2.18 -19.26
C GLU A 226 -14.89 1.78 -19.54
N ILE A 227 -14.41 0.76 -18.84
CA ILE A 227 -12.99 0.36 -19.04
C ILE A 227 -12.83 -0.34 -20.35
N ARG A 228 -11.59 -0.36 -20.84
CA ARG A 228 -11.25 -1.08 -22.09
C ARG A 228 -10.20 -2.16 -21.79
N PHE A 229 -10.20 -3.23 -22.58
CA PHE A 229 -9.24 -4.30 -22.39
C PHE A 229 -8.43 -4.56 -23.66
N PRO A 230 -7.15 -4.89 -23.52
CA PRO A 230 -6.40 -5.44 -24.65
C PRO A 230 -7.11 -6.67 -25.17
N ARG A 231 -7.18 -6.84 -26.48
CA ARG A 231 -7.88 -7.98 -27.08
C ARG A 231 -7.34 -9.32 -26.60
N THR A 232 -6.04 -9.40 -26.38
CA THR A 232 -5.38 -10.65 -25.97
C THR A 232 -5.23 -10.86 -24.44
N LEU A 233 -5.78 -9.98 -23.62
CA LEU A 233 -6.06 -10.34 -22.20
C LEU A 233 -7.02 -11.55 -22.20
N SER A 234 -6.84 -12.48 -21.25
CA SER A 234 -7.63 -13.73 -21.16
C SER A 234 -9.06 -13.49 -20.76
N PRO A 235 -9.97 -14.40 -21.14
CA PRO A 235 -11.36 -14.25 -20.67
C PRO A 235 -11.45 -14.04 -19.16
N GLU A 236 -10.60 -14.77 -18.41
CA GLU A 236 -10.69 -14.77 -16.95
C GLU A 236 -10.06 -13.52 -16.33
N ALA A 237 -9.00 -12.97 -16.96
CA ALA A 237 -8.40 -11.68 -16.53
C ALA A 237 -9.34 -10.54 -16.81
N LYS A 238 -10.01 -10.58 -17.98
CA LYS A 238 -11.04 -9.60 -18.34
C LYS A 238 -12.16 -9.60 -17.31
N SER A 239 -12.63 -10.80 -17.01
CA SER A 239 -13.69 -11.01 -16.05
C SER A 239 -13.32 -10.51 -14.68
N LEU A 240 -12.09 -10.76 -14.23
CA LEU A 240 -11.66 -10.30 -12.89
C LEU A 240 -11.74 -8.79 -12.84
N LEU A 241 -11.15 -8.16 -13.87
CA LEU A 241 -10.96 -6.71 -13.93
C LEU A 241 -12.29 -5.98 -13.98
N ALA A 242 -13.18 -6.47 -14.80
CA ALA A 242 -14.52 -5.92 -14.92
C ALA A 242 -15.27 -6.00 -13.59
N GLY A 243 -15.10 -7.14 -12.89
CA GLY A 243 -15.70 -7.35 -11.57
C GLY A 243 -15.14 -6.42 -10.50
N LEU A 244 -13.82 -6.35 -10.40
CA LEU A 244 -13.13 -5.53 -9.40
C LEU A 244 -13.36 -4.04 -9.68
N LEU A 245 -13.32 -3.66 -10.94
CA LEU A 245 -13.67 -2.30 -11.40
C LEU A 245 -15.15 -2.11 -11.82
N LYS A 246 -16.08 -2.88 -11.23
CA LYS A 246 -17.52 -2.60 -11.37
C LYS A 246 -17.80 -1.33 -10.62
N LYS A 247 -18.41 -0.33 -11.24
CA LYS A 247 -18.57 1.00 -10.58
C LYS A 247 -19.47 1.03 -9.34
N ASP A 248 -20.51 0.21 -9.34
CA ASP A 248 -21.40 0.06 -8.18
C ASP A 248 -20.80 -0.88 -7.16
N PRO A 249 -20.46 -0.40 -5.94
CA PRO A 249 -19.78 -1.29 -5.01
C PRO A 249 -20.49 -2.57 -4.67
N LYS A 250 -21.79 -2.62 -4.89
CA LYS A 250 -22.60 -3.74 -4.50
C LYS A 250 -22.59 -4.80 -5.56
N GLN A 251 -22.40 -4.36 -6.80
CA GLN A 251 -22.25 -5.25 -7.93
C GLN A 251 -20.79 -5.65 -8.11
N ARG A 252 -19.90 -5.04 -7.32
CA ARG A 252 -18.45 -5.28 -7.45
C ARG A 252 -18.02 -6.62 -6.85
N LEU A 253 -17.04 -7.23 -7.51
CA LEU A 253 -16.45 -8.50 -7.05
C LEU A 253 -15.70 -8.19 -5.78
N GLY A 254 -16.18 -8.75 -4.67
CA GLY A 254 -15.72 -8.40 -3.32
C GLY A 254 -16.65 -7.43 -2.58
N GLY A 255 -17.71 -6.99 -3.26
CA GLY A 255 -18.69 -6.06 -2.68
C GLY A 255 -19.87 -6.68 -1.93
N GLY A 256 -20.08 -7.98 -2.05
CA GLY A 256 -21.13 -8.64 -1.27
C GLY A 256 -20.75 -8.79 0.20
N PRO A 257 -21.50 -9.61 0.95
CA PRO A 257 -21.20 -9.76 2.38
C PRO A 257 -20.00 -10.69 2.68
N SER A 258 -19.69 -11.55 1.70
CA SER A 258 -18.52 -12.44 1.69
C SER A 258 -17.16 -11.68 1.68
N ASP A 259 -17.16 -10.47 1.11
CA ASP A 259 -15.97 -9.64 1.06
C ASP A 259 -14.86 -10.38 0.27
N ALA A 260 -13.72 -10.67 0.88
CA ALA A 260 -12.57 -11.30 0.18
C ALA A 260 -12.93 -12.62 -0.47
N LYS A 261 -13.81 -13.38 0.16
CA LYS A 261 -14.17 -14.71 -0.35
C LYS A 261 -14.58 -14.64 -1.82
N GLU A 262 -15.46 -13.71 -2.15
CA GLU A 262 -15.90 -13.47 -3.54
C GLU A 262 -14.73 -13.37 -4.53
N VAL A 263 -13.71 -12.58 -4.19
CA VAL A 263 -12.56 -12.38 -5.07
C VAL A 263 -11.69 -13.63 -5.18
N MET A 264 -11.43 -14.26 -4.03
CA MET A 264 -10.60 -15.47 -3.94
C MET A 264 -11.20 -16.60 -4.72
N GLU A 265 -12.51 -16.60 -4.83
CA GLU A 265 -13.22 -17.67 -5.50
C GLU A 265 -13.38 -17.49 -7.00
N HIS A 266 -12.91 -16.37 -7.52
CA HIS A 266 -13.04 -16.03 -8.94
C HIS A 266 -12.13 -16.92 -9.81
N ARG A 267 -12.58 -17.30 -11.01
CA ARG A 267 -11.80 -18.24 -11.84
C ARG A 267 -10.39 -17.74 -12.20
N PHE A 268 -10.13 -16.45 -12.13
CA PHE A 268 -8.78 -15.98 -12.38
C PHE A 268 -7.85 -16.61 -11.35
N PHE A 269 -8.30 -16.73 -10.10
CA PHE A 269 -7.49 -17.34 -9.04
C PHE A 269 -7.69 -18.83 -8.76
N LEU A 270 -8.22 -19.56 -9.74
CA LEU A 270 -8.54 -20.99 -9.57
C LEU A 270 -7.30 -21.82 -9.18
N SER A 271 -6.13 -21.46 -9.69
CA SER A 271 -4.84 -22.14 -9.41
C SER A 271 -4.19 -21.80 -8.05
N ILE A 272 -4.76 -20.86 -7.34
CA ILE A 272 -4.19 -20.43 -6.08
C ILE A 272 -4.74 -21.25 -4.96
N ASN A 273 -3.86 -21.75 -4.10
CA ASN A 273 -4.24 -22.33 -2.83
C ASN A 273 -4.02 -21.30 -1.74
N TRP A 274 -5.13 -20.81 -1.18
CA TRP A 274 -5.16 -19.60 -0.36
C TRP A 274 -4.47 -19.75 0.97
N GLN A 275 -4.25 -21.01 1.36
CA GLN A 275 -3.47 -21.34 2.54
C GLN A 275 -1.96 -21.32 2.18
N ASP A 276 -1.59 -21.94 1.06
CA ASP A 276 -0.22 -21.79 0.54
C ASP A 276 0.22 -20.32 0.43
N VAL A 277 -0.73 -19.41 0.15
CA VAL A 277 -0.44 -18.00 -0.10
C VAL A 277 0.09 -17.35 1.16
N VAL A 278 -0.68 -17.42 2.23
CA VAL A 278 -0.26 -16.77 3.49
C VAL A 278 0.98 -17.39 4.11
N GLN A 279 1.21 -18.67 3.87
CA GLN A 279 2.38 -19.35 4.46
C GLN A 279 3.60 -19.26 3.58
N LYS A 280 3.49 -18.53 2.47
CA LYS A 280 4.60 -18.28 1.55
C LYS A 280 5.24 -19.57 1.06
N LYS A 281 4.43 -20.56 0.64
CA LYS A 281 4.98 -21.87 0.23
C LYS A 281 5.27 -21.95 -1.26
N LEU A 282 4.90 -20.90 -1.98
CA LEU A 282 5.10 -20.83 -3.42
C LEU A 282 6.33 -19.96 -3.72
N LEU A 283 7.17 -20.46 -4.65
CA LEU A 283 8.28 -19.71 -5.26
C LEU A 283 7.78 -18.39 -5.91
N PRO A 284 8.27 -17.23 -5.42
CA PRO A 284 7.92 -15.97 -6.08
C PRO A 284 8.45 -15.86 -7.51
N PRO A 285 7.78 -15.06 -8.37
CA PRO A 285 8.15 -14.99 -9.76
C PRO A 285 9.37 -14.13 -10.01
N PHE A 286 9.81 -13.42 -8.96
CA PHE A 286 10.95 -12.51 -9.05
C PHE A 286 11.61 -12.36 -7.69
N LYS A 287 12.95 -12.51 -7.63
CA LYS A 287 13.70 -12.22 -6.40
C LYS A 287 14.61 -11.01 -6.56
N PRO A 288 14.38 -9.99 -5.73
CA PRO A 288 15.29 -8.85 -5.72
C PRO A 288 16.76 -9.28 -5.71
N GLN A 289 17.44 -9.02 -6.80
CA GLN A 289 18.87 -9.34 -6.94
C GLN A 289 19.73 -8.25 -6.32
N VAL A 290 19.71 -8.15 -4.98
CA VAL A 290 20.54 -7.16 -4.28
C VAL A 290 21.81 -7.85 -3.85
N THR A 291 22.94 -7.13 -3.90
CA THR A 291 24.24 -7.69 -3.52
C THR A 291 24.53 -7.61 -2.02
N SER A 292 24.08 -6.54 -1.36
CA SER A 292 24.32 -6.31 0.06
C SER A 292 23.06 -5.83 0.78
N GLU A 293 23.16 -5.66 2.09
CA GLU A 293 22.07 -5.11 2.90
C GLU A 293 21.83 -3.63 2.59
N VAL A 294 22.90 -2.92 2.22
CA VAL A 294 22.87 -1.49 1.91
C VAL A 294 22.64 -1.17 0.41
N ASP A 295 22.33 -2.19 -0.39
CA ASP A 295 22.12 -2.07 -1.84
C ASP A 295 20.72 -1.61 -2.21
N THR A 296 20.61 -0.36 -2.66
CA THR A 296 19.31 0.24 -2.93
C THR A 296 19.00 0.34 -4.44
N ARG A 297 19.22 -0.74 -5.19
CA ARG A 297 19.07 -0.65 -6.64
C ARG A 297 17.63 -0.55 -7.08
N TYR A 298 16.71 -0.89 -6.17
CA TYR A 298 15.27 -0.84 -6.48
C TYR A 298 14.55 0.39 -5.94
N PHE A 299 15.33 1.41 -5.56
CA PHE A 299 14.83 2.74 -5.20
C PHE A 299 15.43 3.78 -6.16
N ASP A 300 14.60 4.70 -6.64
CA ASP A 300 15.00 5.68 -7.64
C ASP A 300 16.24 6.43 -7.22
N ASP A 301 17.19 6.61 -8.16
CA ASP A 301 18.42 7.38 -7.95
C ASP A 301 18.09 8.80 -7.52
N GLU A 302 16.97 9.31 -8.02
CA GLU A 302 16.43 10.58 -7.57
C GLU A 302 16.54 10.75 -6.05
N PHE A 303 16.14 9.73 -5.31
CA PHE A 303 16.12 9.77 -3.86
C PHE A 303 17.41 9.22 -3.25
N THR A 304 17.90 8.10 -3.77
CA THR A 304 19.15 7.49 -3.24
C THR A 304 20.45 8.31 -3.46
N ALA A 305 20.46 9.18 -4.47
CA ALA A 305 21.61 10.06 -4.74
C ALA A 305 21.81 11.17 -3.71
N GLN A 306 20.73 11.62 -3.06
CA GLN A 306 20.77 12.81 -2.19
C GLN A 306 21.51 12.60 -0.86
N SER A 307 21.71 13.68 -0.10
CA SER A 307 22.55 13.66 1.12
C SER A 307 21.77 13.53 2.44
N ILE A 308 22.45 13.07 3.49
CA ILE A 308 21.86 13.00 4.84
C ILE A 308 22.22 14.22 5.73
N THR A 309 21.21 15.03 6.01
CA THR A 309 21.36 16.20 6.87
C THR A 309 21.77 15.80 8.28
N GLN A 330 2.88 16.29 25.11
CA GLN A 330 1.48 16.34 24.71
C GLN A 330 0.84 14.95 24.76
N GLU A 331 -0.41 14.91 25.27
CA GLU A 331 -1.28 13.72 25.19
C GLU A 331 -1.78 13.52 23.76
N MET A 332 -1.56 14.54 22.94
CA MET A 332 -1.75 14.50 21.49
C MET A 332 -1.06 13.31 20.78
N PHE A 333 0.20 13.04 21.14
CA PHE A 333 0.98 11.91 20.61
C PHE A 333 1.15 10.85 21.68
N GLU A 334 0.04 10.42 22.25
CA GLU A 334 0.02 9.55 23.42
C GLU A 334 0.21 8.07 23.07
N ASP A 335 -0.49 7.61 22.03
CA ASP A 335 -0.43 6.20 21.60
C ASP A 335 0.55 5.99 20.45
N PHE A 336 1.60 6.81 20.38
CA PHE A 336 2.57 6.70 19.28
C PHE A 336 3.72 5.73 19.54
N ASP A 337 4.25 5.72 20.76
CA ASP A 337 5.48 4.98 21.01
C ASP A 337 5.22 3.47 21.00
N TYR A 338 6.27 2.69 20.71
CA TYR A 338 6.13 1.23 20.49
C TYR A 338 7.46 0.51 20.53
N ILE A 339 7.45 -0.70 21.09
CA ILE A 339 8.51 -1.65 20.87
C ILE A 339 7.89 -3.03 20.57
N ALA A 340 8.37 -3.66 19.49
CA ALA A 340 7.84 -4.93 19.00
C ALA A 340 8.45 -6.10 19.78
N ASP A 341 7.60 -6.96 20.32
CA ASP A 341 8.07 -8.18 21.00
C ASP A 341 9.04 -8.96 20.12
N TRP A 342 8.70 -9.13 18.84
CA TRP A 342 9.58 -9.82 17.87
C TRP A 342 10.94 -9.13 17.72
N GLY B 1 5.43 5.36 -18.61
CA GLY B 1 6.22 5.99 -17.50
C GLY B 1 5.39 6.31 -16.26
N ARG B 2 4.15 6.76 -16.48
CA ARG B 2 3.20 7.15 -15.43
C ARG B 2 3.82 7.98 -14.29
N PRO B 3 3.36 9.21 -14.13
CA PRO B 3 3.90 10.01 -13.03
C PRO B 3 3.48 9.49 -11.65
N ARG B 4 4.32 9.74 -10.65
CA ARG B 4 4.00 9.44 -9.27
C ARG B 4 2.75 10.17 -8.87
N THR B 5 1.99 9.52 -7.98
CA THR B 5 0.73 10.01 -7.47
C THR B 5 0.91 10.50 -6.01
N THR B 6 -0.11 11.17 -5.49
CA THR B 6 -0.04 11.76 -4.19
C THR B 6 -1.36 11.49 -3.49
N SER B 7 -1.27 10.94 -2.29
CA SER B 7 -2.42 10.69 -1.45
C SER B 7 -2.93 12.01 -0.89
N PHE B 8 -4.24 12.10 -0.69
CA PHE B 8 -4.85 13.22 -0.04
C PHE B 8 -5.91 12.81 1.00
N ALA B 9 -6.23 13.72 1.88
CA ALA B 9 -7.44 13.64 2.67
C ALA B 9 -7.99 15.05 2.83
N GLU B 10 -9.31 15.16 2.82
CA GLU B 10 -9.95 16.45 2.86
C GLU B 10 -10.39 16.69 4.27
CL1 GVP C . 7.17 10.76 4.64
C2 GVP C . 7.18 9.40 3.58
C3 GVP C . 6.01 8.72 3.29
C4 GVP C . 6.03 7.65 2.44
C5 GVP C . 7.23 7.22 1.86
C6 GVP C . 8.39 7.92 2.12
C7 GVP C . 8.37 9.00 2.98
C8 GVP C . 7.25 6.03 0.88
C9 GVP C . 5.78 5.65 0.61
C10 GVP C . 5.64 4.71 -0.57
N11 GVP C . 6.10 5.51 -1.73
C12 GVP C . 7.57 5.70 -1.63
C13 GVP C . 7.87 6.57 -0.42
C14 GVP C . 8.02 4.85 1.48
C15 GVP C . 9.38 4.62 1.28
C16 GVP C . 10.00 3.52 1.84
C17 GVP C . 9.28 2.62 2.61
C18 GVP C . 7.94 2.84 2.80
C19 GVP C . 7.32 3.93 2.26
C20 GVP C . 9.90 1.41 3.20
C21 GVP C . 11.05 0.74 2.81
N22 GVP C . 11.26 -0.35 3.57
N23 GVP C . 10.23 -0.39 4.46
C24 GVP C . 9.39 0.64 4.26
#